data_7U61
#
_entry.id   7U61
#
_cell.length_a   114.762
_cell.length_b   71.326
_cell.length_c   57.344
_cell.angle_alpha   90.000
_cell.angle_beta   107.660
_cell.angle_gamma   90.000
#
_symmetry.space_group_name_H-M   'C 1 2 1'
#
loop_
_entity.id
_entity.type
_entity.pdbx_description
1 polymer 'NIC311 Fab Heavy Chain'
2 polymer 'NIC311 Fab Light Chain'
3 non-polymer (S)-3-(1-METHYLPYRROLIDIN-2-YL)PYRIDINE
4 non-polymer 'SULFATE ION'
5 water water
#
loop_
_entity_poly.entity_id
_entity_poly.type
_entity_poly.pdbx_seq_one_letter_code
_entity_poly.pdbx_strand_id
1 'polypeptide(L)'
;EVKLLESGGGLVQPGGSLKLSCAASGFDFTRCWMNWVRQAPGKGLEWIGEINPDSSTIYYTPSLKDKFIISRDNAKNTLY
LQMSKVRSEDTALYYCARVYYYYDYYYAMDYWGQGTSVTVSAAKTTPPSVYPLAPGSAAQTNSMVTLGCLVKGYFPEPVT
VTWNSGSLSSGVHTFPAVLQSDLYTLSSSVTVPSSPRPSETVTCNVAHPASSTKVDKKIAAA
;
H
2 'polypeptide(L)'
;QTVVTQESALTTSPGETVTLTCRSSAGAVTTHNFANWVQEKPDHLFTGLIGGTNNRVPGVPARFSGSLIGDKAALTITGT
QTEDEAIYFCALWYSNHLVFGGGTKLTVLGQPKSSPSVTLFPPSSEELETNKATLVCTITDFYPGVVTVDWKVDGTPVTQ
GMETTQPSKQSNNKYMMSSYLTLTARAWERHSSYSCQVTHEGHTVEKSLSR
;
L
#
# COMPACT_ATOMS: atom_id res chain seq x y z
N GLU A 1 22.83 13.24 0.68
CA GLU A 1 22.37 11.89 0.40
C GLU A 1 22.28 11.04 1.67
N VAL A 2 21.44 11.47 2.61
CA VAL A 2 21.10 10.59 3.72
C VAL A 2 20.55 9.29 3.14
N LYS A 3 21.22 8.18 3.41
CA LYS A 3 20.79 6.87 2.98
C LYS A 3 20.48 6.02 4.21
N LEU A 4 19.34 5.34 4.19
CA LEU A 4 18.93 4.39 5.23
C LEU A 4 18.61 3.11 4.47
N LEU A 5 19.64 2.32 4.18
CA LEU A 5 19.48 1.09 3.41
C LEU A 5 19.21 -0.06 4.37
N GLU A 6 18.02 -0.64 4.29
CA GLU A 6 17.61 -1.71 5.17
C GLU A 6 17.82 -3.06 4.49
N SER A 7 17.91 -4.10 5.31
CA SER A 7 18.16 -5.45 4.82
C SER A 7 17.78 -6.43 5.91
N GLY A 8 17.86 -7.71 5.58
CA GLY A 8 17.58 -8.76 6.54
C GLY A 8 16.15 -9.25 6.55
N GLY A 9 15.26 -8.66 5.76
CA GLY A 9 13.88 -9.10 5.73
C GLY A 9 13.62 -10.17 4.68
N GLY A 10 12.44 -10.74 4.74
CA GLY A 10 12.03 -11.74 3.77
C GLY A 10 11.00 -12.67 4.38
N LEU A 11 11.10 -13.94 4.03
CA LEU A 11 10.18 -14.96 4.52
C LEU A 11 10.70 -15.55 5.82
N VAL A 12 9.78 -15.75 6.77
CA VAL A 12 10.11 -16.36 8.05
C VAL A 12 8.95 -17.24 8.47
N GLN A 13 9.26 -18.42 8.99
CA GLN A 13 8.21 -19.33 9.43
C GLN A 13 7.53 -18.79 10.70
N PRO A 14 6.21 -18.96 10.84
CA PRO A 14 5.55 -18.55 12.09
C PRO A 14 6.29 -19.14 13.29
N GLY A 15 6.29 -18.38 14.38
CA GLY A 15 7.08 -18.73 15.54
C GLY A 15 8.56 -18.54 15.37
N GLY A 16 9.03 -18.22 14.17
CA GLY A 16 10.45 -18.05 13.91
C GLY A 16 10.96 -16.71 14.37
N SER A 17 12.15 -16.35 13.87
CA SER A 17 12.83 -15.16 14.33
C SER A 17 13.60 -14.54 13.17
N LEU A 18 13.77 -13.22 13.24
CA LEU A 18 14.42 -12.46 12.20
C LEU A 18 15.19 -11.31 12.84
N LYS A 19 16.23 -10.85 12.15
CA LYS A 19 16.99 -9.69 12.59
C LYS A 19 17.15 -8.77 11.38
N LEU A 20 16.54 -7.58 11.47
CA LEU A 20 16.61 -6.58 10.42
C LEU A 20 17.74 -5.59 10.68
N SER A 21 18.36 -5.13 9.59
CA SER A 21 19.45 -4.16 9.65
C SER A 21 19.04 -2.90 8.89
N CYS A 22 19.47 -1.75 9.41
CA CYS A 22 19.28 -0.46 8.76
C CYS A 22 20.64 0.23 8.74
N ALA A 23 21.29 0.23 7.57
CA ALA A 23 22.64 0.77 7.43
C ALA A 23 22.56 2.25 7.09
N ALA A 24 23.02 3.09 8.02
CA ALA A 24 22.97 4.54 7.86
C ALA A 24 24.20 5.05 7.12
N SER A 25 23.99 6.12 6.34
CA SER A 25 25.04 6.67 5.49
C SER A 25 24.71 8.14 5.21
N GLY A 26 25.75 8.94 5.06
CA GLY A 26 25.59 10.33 4.68
C GLY A 26 25.36 11.30 5.80
N PHE A 27 25.48 10.87 7.05
CA PHE A 27 25.28 11.75 8.19
C PHE A 27 25.97 11.13 9.39
N ASP A 28 26.06 11.90 10.48
CA ASP A 28 26.65 11.42 11.72
C ASP A 28 25.62 10.55 12.43
N PHE A 29 25.83 9.22 12.36
CA PHE A 29 24.90 8.27 12.96
C PHE A 29 24.86 8.42 14.48
N THR A 30 25.92 8.95 15.08
CA THR A 30 26.05 8.92 16.53
C THR A 30 25.43 10.14 17.22
N ARG A 31 24.95 11.13 16.46
CA ARG A 31 24.24 12.25 17.03
C ARG A 31 22.73 12.12 16.86
N CYS A 32 22.26 10.94 16.43
CA CYS A 32 20.88 10.79 16.03
C CYS A 32 20.22 9.61 16.74
N TRP A 33 19.07 9.88 17.37
CA TRP A 33 18.15 8.80 17.69
C TRP A 33 17.68 8.12 16.39
N MET A 34 17.30 6.85 16.51
CA MET A 34 16.79 6.10 15.36
C MET A 34 15.56 5.32 15.82
N ASN A 35 14.62 5.11 14.90
CA ASN A 35 13.40 4.38 15.25
C ASN A 35 13.14 3.27 14.25
N TRP A 36 12.15 2.45 14.59
CA TRP A 36 11.58 1.43 13.72
C TRP A 36 10.07 1.62 13.69
N VAL A 37 9.49 1.51 12.51
CA VAL A 37 8.05 1.60 12.30
C VAL A 37 7.67 0.58 11.24
N ARG A 38 6.50 -0.02 11.36
CA ARG A 38 6.05 -1.00 10.39
C ARG A 38 4.69 -0.61 9.82
N GLN A 39 4.43 -1.02 8.58
CA GLN A 39 3.13 -0.79 7.90
C GLN A 39 2.66 -2.12 7.30
N ALA A 40 1.64 -2.71 7.88
CA ALA A 40 1.04 -3.98 7.42
C ALA A 40 0.36 -3.80 6.06
N PRO A 41 0.02 -4.89 5.35
CA PRO A 41 -0.60 -4.83 4.01
C PRO A 41 -1.59 -3.67 3.78
N GLY A 42 -2.66 -3.61 4.57
CA GLY A 42 -3.66 -2.55 4.31
C GLY A 42 -3.69 -1.48 5.39
N LYS A 43 -3.21 -1.81 6.60
CA LYS A 43 -3.27 -0.87 7.74
C LYS A 43 -2.28 0.28 7.57
N GLY A 44 -2.25 1.19 8.53
CA GLY A 44 -1.33 2.34 8.48
C GLY A 44 -0.04 2.09 9.24
N LEU A 45 0.57 3.13 9.77
CA LEU A 45 1.89 3.05 10.40
C LEU A 45 1.75 2.64 11.87
N GLU A 46 2.64 1.77 12.30
CA GLU A 46 2.74 1.38 13.70
C GLU A 46 4.18 1.57 14.16
N TRP A 47 4.35 2.39 15.21
CA TRP A 47 5.66 2.60 15.80
C TRP A 47 6.10 1.35 16.55
N ILE A 48 7.39 1.01 16.45
CA ILE A 48 7.93 -0.14 17.16
C ILE A 48 8.73 0.38 18.35
N GLY A 49 9.72 1.22 18.08
CA GLY A 49 10.50 1.79 19.14
C GLY A 49 11.58 2.69 18.57
N GLU A 50 12.43 3.17 19.48
CA GLU A 50 13.55 4.01 19.07
C GLU A 50 14.67 3.83 20.08
N ILE A 51 15.86 4.27 19.70
CA ILE A 51 17.06 4.01 20.49
C ILE A 51 17.90 5.27 20.61
N ASN A 52 18.47 5.46 21.80
CA ASN A 52 19.41 6.53 22.07
C ASN A 52 20.63 6.43 21.15
N PRO A 53 21.31 7.56 20.90
CA PRO A 53 22.63 7.47 20.23
C PRO A 53 23.57 6.49 20.92
N ASP A 54 23.67 6.54 22.25
CA ASP A 54 24.55 5.65 23.00
C ASP A 54 23.79 4.49 23.65
N SER A 55 22.55 4.23 23.21
CA SER A 55 21.77 3.08 23.67
C SER A 55 21.56 3.08 25.17
N SER A 56 21.65 4.25 25.81
CA SER A 56 21.32 4.39 27.22
C SER A 56 19.81 4.45 27.44
N THR A 57 19.05 4.83 26.43
CA THR A 57 17.59 4.84 26.46
C THR A 57 17.07 4.09 25.25
N ILE A 58 16.15 3.16 25.48
CA ILE A 58 15.53 2.41 24.39
C ILE A 58 14.03 2.39 24.67
N TYR A 59 13.24 2.85 23.71
CA TYR A 59 11.79 2.95 23.86
C TYR A 59 11.11 1.95 22.95
N TYR A 60 9.98 1.42 23.43
CA TYR A 60 9.17 0.49 22.65
C TYR A 60 7.70 0.84 22.80
N THR A 61 6.93 0.58 21.76
CA THR A 61 5.49 0.51 21.92
C THR A 61 5.19 -0.56 22.98
N PRO A 62 4.43 -0.24 24.02
CA PRO A 62 4.33 -1.18 25.17
C PRO A 62 4.02 -2.61 24.77
N SER A 63 3.01 -2.82 23.93
CA SER A 63 2.57 -4.17 23.61
C SER A 63 3.58 -4.96 22.79
N LEU A 64 4.68 -4.34 22.36
CA LEU A 64 5.66 -5.02 21.54
C LEU A 64 6.99 -5.27 22.22
N LYS A 65 7.14 -4.87 23.49
CA LYS A 65 8.45 -4.90 24.12
C LYS A 65 9.03 -6.31 24.17
N ASP A 66 8.19 -7.33 24.27
CA ASP A 66 8.67 -8.70 24.42
C ASP A 66 8.96 -9.39 23.10
N LYS A 67 8.48 -8.87 21.98
CA LYS A 67 8.70 -9.49 20.68
C LYS A 67 9.84 -8.85 19.90
N PHE A 68 10.22 -7.61 20.24
CA PHE A 68 11.20 -6.86 19.47
C PHE A 68 12.30 -6.37 20.38
N ILE A 69 13.54 -6.39 19.88
CA ILE A 69 14.69 -5.85 20.58
C ILE A 69 15.42 -4.92 19.63
N ILE A 70 15.39 -3.64 19.92
CA ILE A 70 16.09 -2.63 19.14
C ILE A 70 17.51 -2.50 19.66
N SER A 71 18.45 -2.26 18.75
CA SER A 71 19.85 -2.10 19.10
C SER A 71 20.55 -1.38 17.97
N ARG A 72 21.79 -0.96 18.23
CA ARG A 72 22.59 -0.26 17.23
C ARG A 72 24.07 -0.51 17.49
N ASP A 73 24.86 -0.40 16.43
CA ASP A 73 26.33 -0.50 16.49
C ASP A 73 26.87 0.74 15.78
N ASN A 74 27.11 1.81 16.56
CA ASN A 74 27.62 3.05 15.98
C ASN A 74 28.90 2.82 15.18
N ALA A 75 29.65 1.77 15.52
CA ALA A 75 30.88 1.49 14.80
C ALA A 75 30.61 1.10 13.34
N LYS A 76 29.43 0.54 13.06
CA LYS A 76 29.05 0.15 11.72
C LYS A 76 27.96 1.04 11.15
N ASN A 77 27.62 2.11 11.86
CA ASN A 77 26.58 3.05 11.44
C ASN A 77 25.30 2.30 11.08
N THR A 78 24.93 1.34 11.92
CA THR A 78 23.84 0.42 11.62
C THR A 78 22.93 0.26 12.82
N LEU A 79 21.64 0.17 12.53
CA LEU A 79 20.58 -0.06 13.50
C LEU A 79 19.97 -1.43 13.25
N TYR A 80 19.55 -2.09 14.32
CA TYR A 80 19.09 -3.46 14.25
C TYR A 80 17.73 -3.61 14.90
N LEU A 81 16.95 -4.56 14.39
CA LEU A 81 15.67 -4.92 14.98
C LEU A 81 15.57 -6.43 15.00
N GLN A 82 15.49 -7.01 16.20
CA GLN A 82 15.34 -8.44 16.39
C GLN A 82 13.86 -8.77 16.56
N MET A 83 13.38 -9.77 15.81
CA MET A 83 12.01 -10.25 15.93
C MET A 83 12.03 -11.70 16.39
N SER A 84 11.15 -12.04 17.33
CA SER A 84 11.09 -13.39 17.86
C SER A 84 9.63 -13.81 18.03
N LYS A 85 9.40 -15.12 17.99
CA LYS A 85 8.05 -15.68 18.11
C LYS A 85 7.06 -14.90 17.23
N VAL A 86 7.45 -14.71 15.96
CA VAL A 86 6.65 -13.90 15.06
C VAL A 86 5.39 -14.65 14.66
N ARG A 87 4.28 -13.93 14.56
CA ARG A 87 3.01 -14.46 14.10
C ARG A 87 2.66 -13.80 12.77
N SER A 88 1.59 -14.30 12.14
CA SER A 88 1.19 -13.77 10.84
C SER A 88 0.84 -12.28 10.95
N GLU A 89 0.35 -11.86 12.11
CA GLU A 89 0.05 -10.45 12.33
C GLU A 89 1.29 -9.57 12.16
N ASP A 90 2.49 -10.15 12.27
CA ASP A 90 3.73 -9.39 12.15
C ASP A 90 4.18 -9.23 10.70
N THR A 91 3.38 -9.66 9.74
CA THR A 91 3.67 -9.40 8.34
C THR A 91 3.47 -7.92 8.04
N ALA A 92 4.49 -7.27 7.50
CA ALA A 92 4.42 -5.85 7.20
C ALA A 92 5.73 -5.42 6.54
N LEU A 93 5.72 -4.20 6.00
CA LEU A 93 6.94 -3.51 5.59
C LEU A 93 7.51 -2.81 6.81
N TYR A 94 8.80 -3.00 7.05
CA TYR A 94 9.48 -2.45 8.22
C TYR A 94 10.38 -1.30 7.80
N TYR A 95 10.16 -0.13 8.37
CA TYR A 95 10.93 1.06 8.07
C TYR A 95 11.79 1.45 9.25
N CYS A 96 13.01 1.90 8.96
CA CYS A 96 13.83 2.65 9.91
C CYS A 96 13.76 4.11 9.51
N ALA A 97 13.75 5.00 10.50
CA ALA A 97 13.73 6.43 10.24
C ALA A 97 14.73 7.12 11.15
N ARG A 98 15.28 8.22 10.66
CA ARG A 98 16.12 9.10 11.45
C ARG A 98 15.23 10.09 12.17
N VAL A 99 15.34 10.13 13.50
CA VAL A 99 14.61 11.11 14.31
C VAL A 99 15.63 12.14 14.76
N TYR A 100 15.81 13.16 13.93
CA TYR A 100 16.89 14.13 14.05
C TYR A 100 16.50 15.23 15.03
N TYR A 101 17.45 15.63 15.88
CA TYR A 101 17.23 16.69 16.85
C TYR A 101 17.60 18.00 16.18
N TYR A 102 16.62 18.61 15.51
CA TYR A 102 16.86 19.83 14.75
C TYR A 102 17.09 21.00 15.70
N TYR A 103 18.29 21.57 15.65
CA TYR A 103 18.64 22.78 16.38
C TYR A 103 18.52 22.60 17.89
N ASP A 104 18.57 21.36 18.38
CA ASP A 104 18.36 21.08 19.80
C ASP A 104 17.03 21.65 20.29
N TYR A 105 16.04 21.70 19.40
CA TYR A 105 14.75 22.35 19.66
C TYR A 105 13.57 21.43 19.44
N TYR A 106 13.61 20.59 18.41
CA TYR A 106 12.53 19.64 18.17
C TYR A 106 13.07 18.43 17.43
N TYR A 107 12.45 17.29 17.68
CA TYR A 107 12.74 16.06 16.95
C TYR A 107 11.84 15.98 15.73
N ALA A 108 12.33 15.31 14.69
CA ALA A 108 11.57 15.14 13.46
C ALA A 108 12.03 13.84 12.80
N MET A 109 11.08 13.04 12.36
CA MET A 109 11.37 11.79 11.66
C MET A 109 11.52 12.12 10.17
N ASP A 110 12.69 12.67 9.83
CA ASP A 110 12.85 13.25 8.50
C ASP A 110 13.09 12.19 7.43
N TYR A 111 14.22 11.49 7.51
CA TYR A 111 14.64 10.55 6.48
C TYR A 111 14.20 9.14 6.85
N TRP A 112 13.56 8.46 5.90
CA TRP A 112 13.02 7.13 6.10
C TRP A 112 13.69 6.14 5.16
N GLY A 113 13.80 4.91 5.64
CA GLY A 113 14.25 3.83 4.78
C GLY A 113 13.23 3.48 3.72
N GLN A 114 13.71 2.85 2.65
CA GLN A 114 12.79 2.39 1.61
C GLN A 114 11.80 1.38 2.16
N GLY A 115 12.20 0.62 3.16
CA GLY A 115 11.39 -0.43 3.75
C GLY A 115 11.90 -1.80 3.32
N THR A 116 11.86 -2.75 4.26
CA THR A 116 12.13 -4.14 3.96
C THR A 116 10.91 -4.94 4.38
N SER A 117 10.47 -5.85 3.52
CA SER A 117 9.24 -6.60 3.76
C SER A 117 9.53 -7.85 4.58
N VAL A 118 8.66 -8.10 5.56
CA VAL A 118 8.70 -9.32 6.36
C VAL A 118 7.38 -10.03 6.16
N THR A 119 7.45 -11.27 5.66
CA THR A 119 6.28 -12.09 5.39
C THR A 119 6.32 -13.30 6.31
N VAL A 120 5.33 -13.40 7.20
CA VAL A 120 5.23 -14.50 8.15
C VAL A 120 4.25 -15.49 7.57
N SER A 121 4.76 -16.61 7.06
CA SER A 121 3.90 -17.59 6.41
C SER A 121 4.56 -18.96 6.47
N ALA A 122 3.71 -19.99 6.55
CA ALA A 122 4.16 -21.37 6.41
C ALA A 122 4.10 -21.87 4.98
N ALA A 123 3.58 -21.06 4.07
CA ALA A 123 3.39 -21.44 2.66
C ALA A 123 4.72 -21.70 1.96
N LYS A 124 4.70 -22.48 0.89
CA LYS A 124 5.92 -22.89 0.15
C LYS A 124 5.96 -22.17 -1.20
N THR A 125 7.10 -22.15 -1.88
CA THR A 125 7.25 -21.48 -3.18
C THR A 125 6.24 -22.11 -4.14
N THR A 126 5.26 -21.35 -4.61
CA THR A 126 4.22 -21.84 -5.50
C THR A 126 4.24 -21.03 -6.79
N PRO A 127 4.44 -21.66 -7.95
CA PRO A 127 4.45 -20.91 -9.20
C PRO A 127 3.05 -20.44 -9.56
N PRO A 128 2.92 -19.41 -10.39
CA PRO A 128 1.59 -18.90 -10.73
C PRO A 128 0.95 -19.70 -11.87
N SER A 129 -0.37 -19.90 -11.76
CA SER A 129 -1.19 -20.31 -12.89
C SER A 129 -1.62 -19.06 -13.64
N VAL A 130 -1.18 -18.95 -14.90
CA VAL A 130 -1.47 -17.78 -15.74
C VAL A 130 -2.66 -18.11 -16.62
N TYR A 131 -3.73 -17.33 -16.49
CA TYR A 131 -4.93 -17.59 -17.25
C TYR A 131 -5.23 -16.43 -18.20
N PRO A 132 -5.69 -16.69 -19.42
CA PRO A 132 -6.01 -15.60 -20.35
C PRO A 132 -7.38 -15.02 -20.05
N LEU A 133 -7.45 -13.69 -19.98
CA LEU A 133 -8.69 -12.98 -19.73
C LEU A 133 -9.16 -12.35 -21.05
N ALA A 134 -10.29 -12.82 -21.56
CA ALA A 134 -10.81 -12.34 -22.82
C ALA A 134 -12.32 -12.52 -22.81
N PRO A 135 -13.06 -11.75 -23.61
CA PRO A 135 -14.51 -11.98 -23.77
C PRO A 135 -14.83 -13.39 -24.25
N SER A 143 -15.62 -0.61 -30.13
CA SER A 143 -14.50 0.33 -30.26
C SER A 143 -13.18 -0.38 -29.98
N MET A 144 -12.45 0.07 -28.95
CA MET A 144 -11.18 -0.58 -28.53
C MET A 144 -11.49 -1.89 -27.79
N VAL A 145 -10.46 -2.68 -27.45
CA VAL A 145 -10.66 -4.02 -26.79
C VAL A 145 -9.83 -4.08 -25.50
N THR A 146 -10.42 -4.62 -24.43
CA THR A 146 -9.72 -4.78 -23.13
C THR A 146 -9.40 -6.25 -22.90
N LEU A 147 -8.12 -6.60 -22.90
CA LEU A 147 -7.67 -7.96 -22.66
C LEU A 147 -6.92 -8.00 -21.34
N GLY A 148 -6.51 -9.19 -20.93
CA GLY A 148 -5.72 -9.28 -19.72
C GLY A 148 -5.28 -10.70 -19.42
N CYS A 149 -4.51 -10.81 -18.34
CA CYS A 149 -3.96 -12.07 -17.87
C CYS A 149 -4.17 -12.13 -16.37
N LEU A 150 -4.64 -13.26 -15.89
CA LEU A 150 -4.83 -13.50 -14.47
C LEU A 150 -3.65 -14.34 -13.97
N VAL A 151 -2.86 -13.76 -13.06
CA VAL A 151 -1.66 -14.40 -12.54
C VAL A 151 -2.02 -14.88 -11.14
N LYS A 152 -2.42 -16.14 -11.04
CA LYS A 152 -3.13 -16.62 -9.87
C LYS A 152 -2.32 -17.59 -9.03
N GLY A 153 -2.30 -17.34 -7.73
CA GLY A 153 -1.88 -18.33 -6.76
C GLY A 153 -0.39 -18.60 -6.74
N TYR A 154 0.42 -17.55 -6.63
CA TYR A 154 1.86 -17.71 -6.52
C TYR A 154 2.30 -17.33 -5.12
N PHE A 155 3.48 -17.81 -4.75
CA PHE A 155 4.12 -17.44 -3.50
C PHE A 155 5.61 -17.71 -3.65
N PRO A 156 6.49 -16.81 -3.17
CA PRO A 156 6.20 -15.50 -2.58
C PRO A 156 6.14 -14.44 -3.67
N GLU A 157 5.87 -13.19 -3.31
CA GLU A 157 6.05 -12.09 -4.25
C GLU A 157 7.55 -11.91 -4.51
N PRO A 158 7.92 -11.32 -5.66
CA PRO A 158 7.10 -10.68 -6.70
C PRO A 158 6.85 -11.55 -7.93
N VAL A 159 6.00 -11.06 -8.83
CA VAL A 159 5.96 -11.52 -10.20
C VAL A 159 6.05 -10.31 -11.10
N THR A 160 6.62 -10.48 -12.28
CA THR A 160 6.75 -9.41 -13.26
C THR A 160 5.93 -9.74 -14.49
N VAL A 161 5.30 -8.74 -15.09
CA VAL A 161 4.43 -8.92 -16.24
C VAL A 161 4.83 -7.94 -17.32
N THR A 162 4.84 -8.42 -18.56
CA THR A 162 5.00 -7.59 -19.74
C THR A 162 4.06 -8.12 -20.82
N TRP A 163 3.91 -7.35 -21.89
CA TRP A 163 3.06 -7.75 -23.00
C TRP A 163 3.89 -7.72 -24.27
N ASN A 164 3.77 -8.78 -25.07
CA ASN A 164 4.57 -8.96 -26.27
C ASN A 164 6.04 -8.68 -25.98
N SER A 165 6.52 -9.25 -24.88
CA SER A 165 7.93 -9.18 -24.48
C SER A 165 8.38 -7.75 -24.16
N GLY A 166 7.46 -6.91 -23.73
CA GLY A 166 7.81 -5.54 -23.40
C GLY A 166 7.80 -4.63 -24.60
N SER A 167 6.78 -4.75 -25.44
CA SER A 167 6.58 -3.88 -26.59
C SER A 167 5.24 -3.16 -26.54
N LEU A 168 4.17 -3.87 -26.16
CA LEU A 168 2.92 -3.22 -25.79
C LEU A 168 3.12 -2.60 -24.42
N SER A 169 3.48 -1.32 -24.39
CA SER A 169 3.59 -0.54 -23.17
C SER A 169 2.49 0.49 -23.04
N SER A 170 1.67 0.66 -24.07
CA SER A 170 0.59 1.64 -24.08
C SER A 170 -0.73 0.91 -23.83
N GLY A 171 -1.44 1.34 -22.78
CA GLY A 171 -2.69 0.71 -22.40
C GLY A 171 -2.55 -0.39 -21.36
N VAL A 172 -1.35 -0.68 -20.90
CA VAL A 172 -1.12 -1.80 -19.98
C VAL A 172 -1.30 -1.31 -18.55
N HIS A 173 -2.08 -2.08 -17.77
CA HIS A 173 -2.33 -1.78 -16.37
C HIS A 173 -2.12 -3.08 -15.59
N THR A 174 -1.02 -3.14 -14.85
CA THR A 174 -0.74 -4.26 -13.97
C THR A 174 -1.05 -3.83 -12.55
N PHE A 175 -2.00 -4.51 -11.92
CA PHE A 175 -2.54 -4.08 -10.65
C PHE A 175 -1.78 -4.70 -9.49
N PRO A 176 -1.94 -4.14 -8.29
CA PRO A 176 -1.31 -4.75 -7.11
C PRO A 176 -1.83 -6.15 -6.85
N ALA A 177 -0.99 -6.95 -6.19
CA ALA A 177 -1.38 -8.29 -5.80
C ALA A 177 -2.37 -8.26 -4.64
N VAL A 178 -3.20 -9.29 -4.57
CA VAL A 178 -4.03 -9.55 -3.42
C VAL A 178 -3.54 -10.85 -2.81
N LEU A 179 -3.83 -11.02 -1.52
CA LEU A 179 -3.52 -12.24 -0.80
C LEU A 179 -4.80 -13.01 -0.53
N GLN A 180 -4.74 -14.32 -0.74
CA GLN A 180 -5.88 -15.19 -0.46
C GLN A 180 -5.34 -16.59 -0.20
N SER A 181 -5.64 -17.14 0.98
CA SER A 181 -5.22 -18.50 1.34
C SER A 181 -3.70 -18.64 1.19
N ASP A 182 -2.98 -17.69 1.79
CA ASP A 182 -1.53 -17.63 1.81
C ASP A 182 -0.89 -17.38 0.44
N LEU A 183 -1.69 -17.38 -0.62
CA LEU A 183 -1.18 -17.24 -1.97
C LEU A 183 -1.57 -15.90 -2.58
N TYR A 184 -0.65 -15.32 -3.34
CA TYR A 184 -0.88 -14.03 -3.97
C TYR A 184 -1.44 -14.21 -5.39
N THR A 185 -2.16 -13.17 -5.83
CA THR A 185 -2.72 -13.12 -7.17
C THR A 185 -2.66 -11.67 -7.65
N LEU A 186 -2.45 -11.50 -8.94
CA LEU A 186 -2.59 -10.19 -9.56
C LEU A 186 -3.10 -10.37 -10.98
N SER A 187 -3.39 -9.24 -11.63
CA SER A 187 -3.84 -9.25 -13.01
C SER A 187 -3.11 -8.15 -13.78
N SER A 188 -3.06 -8.32 -15.10
CA SER A 188 -2.54 -7.30 -16.00
C SER A 188 -3.45 -7.22 -17.22
N SER A 189 -3.92 -6.01 -17.53
CA SER A 189 -4.81 -5.78 -18.66
C SER A 189 -4.12 -4.90 -19.68
N VAL A 190 -4.60 -4.97 -20.93
CA VAL A 190 -4.11 -4.14 -22.02
C VAL A 190 -5.28 -3.79 -22.91
N THR A 191 -5.51 -2.50 -23.11
CA THR A 191 -6.57 -2.04 -23.99
C THR A 191 -5.97 -1.82 -25.37
N VAL A 192 -6.47 -2.53 -26.37
CA VAL A 192 -5.88 -2.44 -27.72
C VAL A 192 -6.95 -2.16 -28.77
N PRO A 193 -6.62 -1.50 -29.90
CA PRO A 193 -7.59 -1.29 -30.96
C PRO A 193 -8.24 -2.63 -31.30
N SER A 194 -9.55 -2.64 -31.51
CA SER A 194 -10.31 -3.88 -31.80
C SER A 194 -9.82 -4.52 -33.10
N SER A 195 -9.04 -3.83 -33.91
CA SER A 195 -8.59 -4.36 -35.21
C SER A 195 -7.52 -5.43 -34.97
N PRO A 196 -6.46 -5.13 -34.21
CA PRO A 196 -5.37 -6.09 -34.00
C PRO A 196 -5.79 -7.28 -33.13
N ARG A 197 -6.96 -7.24 -32.48
CA ARG A 197 -7.42 -8.44 -31.73
C ARG A 197 -8.86 -8.75 -32.11
N PRO A 198 -9.13 -9.97 -32.63
CA PRO A 198 -8.07 -10.82 -33.13
C PRO A 198 -7.33 -10.05 -34.22
N SER A 199 -6.30 -10.65 -34.82
CA SER A 199 -5.45 -9.97 -35.81
C SER A 199 -4.01 -10.16 -35.38
N GLU A 200 -3.31 -9.06 -35.13
CA GLU A 200 -1.94 -9.20 -34.60
C GLU A 200 -2.09 -9.98 -33.29
N THR A 201 -1.01 -10.51 -32.72
CA THR A 201 -1.12 -11.37 -31.54
C THR A 201 -0.73 -10.63 -30.26
N VAL A 202 -1.53 -10.76 -29.21
CA VAL A 202 -1.19 -10.23 -27.89
C VAL A 202 -0.91 -11.42 -26.98
N THR A 203 0.23 -11.39 -26.31
CA THR A 203 0.62 -12.45 -25.38
C THR A 203 1.23 -11.78 -24.16
N CYS A 204 0.79 -12.18 -22.97
CA CYS A 204 1.40 -11.67 -21.75
C CYS A 204 2.52 -12.59 -21.30
N ASN A 205 3.52 -11.99 -20.65
CA ASN A 205 4.73 -12.68 -20.24
C ASN A 205 4.89 -12.49 -18.73
N VAL A 206 4.66 -13.56 -17.98
CA VAL A 206 4.70 -13.54 -16.53
C VAL A 206 6.01 -14.17 -16.10
N ALA A 207 6.62 -13.60 -15.07
CA ALA A 207 7.86 -14.12 -14.51
C ALA A 207 7.72 -14.23 -13.01
N HIS A 208 8.09 -15.38 -12.47
CA HIS A 208 8.12 -15.62 -11.02
C HIS A 208 9.53 -16.11 -10.69
N PRO A 209 10.43 -15.21 -10.27
CA PRO A 209 11.81 -15.65 -10.00
C PRO A 209 11.93 -16.74 -8.95
N ALA A 210 11.15 -16.65 -7.86
CA ALA A 210 11.31 -17.59 -6.76
C ALA A 210 11.17 -19.03 -7.25
N SER A 211 10.15 -19.31 -8.04
CA SER A 211 9.93 -20.64 -8.59
C SER A 211 10.73 -20.87 -9.87
N SER A 212 11.49 -19.88 -10.33
CA SER A 212 12.26 -20.00 -11.57
C SER A 212 11.35 -20.41 -12.72
N THR A 213 10.23 -19.70 -12.83
CA THR A 213 9.22 -19.97 -13.84
C THR A 213 8.95 -18.71 -14.64
N LYS A 214 8.73 -18.91 -15.93
CA LYS A 214 8.24 -17.89 -16.85
C LYS A 214 7.16 -18.54 -17.68
N VAL A 215 6.07 -17.82 -17.92
CA VAL A 215 4.94 -18.34 -18.67
C VAL A 215 4.54 -17.33 -19.73
N ASP A 216 4.26 -17.81 -20.93
CA ASP A 216 3.73 -17.00 -22.01
C ASP A 216 2.38 -17.56 -22.41
N LYS A 217 1.34 -16.73 -22.38
CA LYS A 217 -0.01 -17.15 -22.73
C LYS A 217 -0.57 -16.17 -23.76
N LYS A 218 -1.17 -16.72 -24.81
CA LYS A 218 -1.75 -15.92 -25.88
C LYS A 218 -3.26 -15.76 -25.65
N ILE A 219 -3.77 -14.57 -25.94
CA ILE A 219 -5.17 -14.24 -25.77
C ILE A 219 -5.92 -14.58 -27.04
N ALA A 220 -6.96 -15.42 -26.93
CA ALA A 220 -7.79 -15.82 -28.05
C ALA A 220 -9.25 -15.71 -27.62
N ALA A 221 -10.13 -15.52 -28.60
CA ALA A 221 -11.55 -15.36 -28.29
C ALA A 221 -12.12 -16.68 -27.78
N ALA A 222 -13.03 -16.59 -26.82
CA ALA A 222 -13.66 -17.78 -26.25
C ALA A 222 -14.27 -18.63 -27.36
N THR B 2 -3.19 5.87 23.86
CA THR B 2 -3.32 4.54 23.19
C THR B 2 -3.82 4.71 21.74
N VAL B 3 -4.91 5.43 21.51
CA VAL B 3 -5.50 5.56 20.14
C VAL B 3 -5.45 7.00 19.64
N VAL B 4 -4.65 7.29 18.61
CA VAL B 4 -4.59 8.64 17.99
C VAL B 4 -5.49 8.60 16.75
N THR B 5 -6.43 9.52 16.65
CA THR B 5 -7.42 9.52 15.56
C THR B 5 -7.29 10.72 14.64
N GLN B 6 -7.33 10.49 13.35
CA GLN B 6 -7.34 11.53 12.31
C GLN B 6 -8.54 11.30 11.41
N GLU B 7 -8.92 12.33 10.67
CA GLU B 7 -9.91 12.16 9.62
C GLU B 7 -9.46 11.07 8.65
N SER B 8 -10.36 10.14 8.33
CA SER B 8 -10.00 9.07 7.40
C SER B 8 -9.62 9.63 6.04
N ALA B 9 -10.39 10.61 5.56
CA ALA B 9 -10.11 11.20 4.26
C ALA B 9 -10.67 12.62 4.25
N LEU B 10 -9.96 13.50 3.54
CA LEU B 10 -10.41 14.86 3.33
C LEU B 10 -10.15 15.23 1.88
N THR B 11 -11.03 16.07 1.33
CA THR B 11 -10.89 16.54 -0.05
C THR B 11 -10.79 18.05 -0.03
N THR B 12 -9.86 18.59 -0.83
CA THR B 12 -9.73 20.01 -1.04
C THR B 12 -9.42 20.22 -2.52
N SER B 13 -9.36 21.47 -2.93
CA SER B 13 -8.97 21.84 -4.28
C SER B 13 -7.72 22.72 -4.20
N PRO B 14 -6.86 22.67 -5.22
CA PRO B 14 -5.60 23.42 -5.13
C PRO B 14 -5.84 24.91 -4.92
N GLY B 15 -4.89 25.54 -4.22
CA GLY B 15 -5.05 26.91 -3.80
C GLY B 15 -5.84 27.11 -2.53
N GLU B 16 -6.69 26.16 -2.16
CA GLU B 16 -7.47 26.27 -0.94
C GLU B 16 -6.63 25.87 0.27
N THR B 17 -7.17 26.15 1.45
CA THR B 17 -6.54 25.80 2.70
C THR B 17 -7.25 24.60 3.29
N VAL B 18 -6.48 23.60 3.70
CA VAL B 18 -7.02 22.40 4.32
C VAL B 18 -6.30 22.17 5.63
N THR B 19 -7.02 21.68 6.63
CA THR B 19 -6.48 21.44 7.96
C THR B 19 -6.77 20.02 8.36
N LEU B 20 -5.71 19.27 8.66
CA LEU B 20 -5.83 17.92 9.19
C LEU B 20 -5.65 17.97 10.69
N THR B 21 -6.50 17.26 11.42
CA THR B 21 -6.43 17.26 12.88
C THR B 21 -6.00 15.89 13.39
N CYS B 22 -5.58 15.89 14.67
CA CYS B 22 -4.96 14.74 15.31
C CYS B 22 -5.43 14.75 16.75
N ARG B 23 -6.37 13.87 17.07
CA ARG B 23 -6.97 13.78 18.39
C ARG B 23 -6.44 12.56 19.13
N SER B 24 -6.51 12.59 20.45
CA SER B 24 -5.99 11.50 21.31
C SER B 24 -7.05 10.97 22.29
N SER B 25 -7.14 9.65 22.41
CA SER B 25 -8.05 8.99 23.39
C SER B 25 -7.61 9.35 24.81
N ALA B 26 -6.33 9.60 25.00
CA ALA B 26 -5.78 9.82 26.35
C ALA B 26 -5.93 11.25 26.84
N GLY B 27 -6.69 12.09 26.15
CA GLY B 27 -6.94 13.45 26.63
C GLY B 27 -6.52 14.50 25.62
N ALA B 28 -6.50 15.77 26.02
CA ALA B 28 -6.16 16.86 25.13
C ALA B 28 -4.72 16.74 24.65
N VAL B 29 -4.50 17.12 23.40
CA VAL B 29 -3.15 17.16 22.83
C VAL B 29 -2.50 18.47 23.25
N THR B 30 -1.32 18.37 23.86
CA THR B 30 -0.57 19.53 24.33
C THR B 30 0.79 19.55 23.65
N THR B 31 1.50 20.69 23.75
CA THR B 31 2.84 20.74 23.22
C THR B 31 3.73 19.66 23.83
N HIS B 32 3.35 19.12 24.99
CA HIS B 32 4.12 18.04 25.59
C HIS B 32 3.98 16.72 24.85
N ASN B 33 3.09 16.63 23.86
CA ASN B 33 2.95 15.44 23.03
C ASN B 33 3.80 15.50 21.77
N PHE B 34 4.41 16.65 21.47
CA PHE B 34 5.41 16.78 20.42
C PHE B 34 4.92 16.19 19.11
N ALA B 35 3.79 16.72 18.65
CA ALA B 35 3.10 16.18 17.49
C ALA B 35 4.02 16.20 16.26
N ASN B 36 4.13 15.06 15.59
CA ASN B 36 4.86 14.91 14.35
C ASN B 36 3.89 14.64 13.21
N TRP B 37 4.24 15.11 12.02
CA TRP B 37 3.45 14.85 10.82
C TRP B 37 4.36 14.26 9.75
N VAL B 38 3.94 13.14 9.19
CA VAL B 38 4.69 12.42 8.17
C VAL B 38 3.79 12.29 6.94
N GLN B 39 4.37 12.57 5.77
CA GLN B 39 3.67 12.40 4.50
C GLN B 39 4.07 11.07 3.87
N GLU B 40 3.10 10.37 3.30
CA GLU B 40 3.36 9.16 2.53
C GLU B 40 2.88 9.38 1.10
N LYS B 41 3.80 9.27 0.15
CA LYS B 41 3.48 9.34 -1.27
C LYS B 41 3.66 7.96 -1.90
N PRO B 42 3.01 7.68 -3.05
CA PRO B 42 3.07 6.34 -3.65
C PRO B 42 4.49 5.74 -3.69
N ASP B 43 4.60 4.42 -3.53
CA ASP B 43 5.89 3.68 -3.50
C ASP B 43 6.43 3.77 -2.07
N HIS B 44 5.55 3.82 -1.08
CA HIS B 44 5.95 3.81 0.35
C HIS B 44 7.06 4.83 0.58
N LEU B 45 6.87 6.06 0.10
CA LEU B 45 7.82 7.14 0.28
C LEU B 45 7.33 8.04 1.41
N PHE B 46 8.06 8.05 2.51
CA PHE B 46 7.69 8.81 3.70
C PHE B 46 8.67 9.94 3.92
N THR B 47 8.16 11.12 4.25
CA THR B 47 9.00 12.27 4.54
C THR B 47 8.42 13.00 5.74
N GLY B 48 9.28 13.35 6.68
CA GLY B 48 8.84 14.07 7.87
C GLY B 48 8.50 15.50 7.54
N LEU B 49 7.32 15.95 7.95
CA LEU B 49 6.86 17.29 7.67
C LEU B 49 7.03 18.24 8.86
N ILE B 50 6.46 17.88 10.00
CA ILE B 50 6.48 18.72 11.18
C ILE B 50 7.01 17.91 12.35
N GLY B 51 7.69 18.60 13.25
CA GLY B 51 8.06 18.03 14.53
C GLY B 51 7.88 19.06 15.61
N GLY B 52 7.77 18.58 16.85
CA GLY B 52 7.57 19.48 17.96
C GLY B 52 6.33 20.34 17.79
N THR B 53 5.25 19.74 17.28
CA THR B 53 3.95 20.38 17.09
C THR B 53 3.96 21.39 15.96
N ASN B 54 4.90 22.34 15.97
CA ASN B 54 4.79 23.47 15.05
C ASN B 54 6.10 23.84 14.35
N ASN B 55 7.05 22.92 14.25
CA ASN B 55 8.33 23.18 13.61
C ASN B 55 8.38 22.46 12.27
N ARG B 56 8.60 23.22 11.20
CA ARG B 56 8.64 22.66 9.86
C ARG B 56 10.03 22.12 9.56
N VAL B 57 10.10 20.86 9.15
CA VAL B 57 11.40 20.26 8.81
C VAL B 57 12.01 21.01 7.63
N PRO B 58 13.28 21.42 7.71
CA PRO B 58 13.87 22.18 6.60
C PRO B 58 13.77 21.42 5.29
N GLY B 59 13.42 22.14 4.22
CA GLY B 59 13.17 21.56 2.92
C GLY B 59 11.70 21.33 2.62
N VAL B 60 10.86 21.27 3.64
CA VAL B 60 9.41 21.15 3.43
C VAL B 60 8.88 22.48 2.93
N PRO B 61 7.99 22.50 1.93
CA PRO B 61 7.46 23.79 1.46
C PRO B 61 6.81 24.57 2.60
N ALA B 62 6.92 25.90 2.52
CA ALA B 62 6.41 26.74 3.58
C ALA B 62 4.90 26.62 3.77
N ARG B 63 4.18 26.16 2.74
CA ARG B 63 2.72 26.07 2.84
C ARG B 63 2.26 25.04 3.85
N PHE B 64 3.14 24.15 4.30
CA PHE B 64 2.83 23.23 5.39
C PHE B 64 3.16 23.89 6.71
N SER B 65 2.26 23.76 7.69
CA SER B 65 2.56 24.24 9.03
C SER B 65 1.85 23.37 10.05
N GLY B 66 2.45 23.28 11.24
CA GLY B 66 1.84 22.57 12.35
C GLY B 66 1.40 23.51 13.44
N SER B 67 0.45 23.07 14.26
CA SER B 67 -0.14 23.93 15.28
C SER B 67 -1.00 23.06 16.19
N LEU B 68 -1.60 23.68 17.19
CA LEU B 68 -2.64 23.08 18.00
C LEU B 68 -3.95 23.82 17.78
N ILE B 69 -5.06 23.08 17.80
CA ILE B 69 -6.38 23.66 17.62
C ILE B 69 -7.28 22.99 18.64
N GLY B 70 -7.68 23.73 19.68
CA GLY B 70 -8.44 23.12 20.75
C GLY B 70 -7.61 22.04 21.41
N ASP B 71 -8.21 20.86 21.56
CA ASP B 71 -7.57 19.73 22.21
C ASP B 71 -6.87 18.82 21.22
N LYS B 72 -6.48 19.33 20.05
CA LYS B 72 -5.92 18.51 19.00
C LYS B 72 -4.77 19.22 18.29
N ALA B 73 -3.81 18.43 17.80
CA ALA B 73 -2.78 18.95 16.91
C ALA B 73 -3.31 19.04 15.50
N ALA B 74 -2.73 19.96 14.72
CA ALA B 74 -3.22 20.26 13.38
C ALA B 74 -2.05 20.32 12.40
N LEU B 75 -2.32 19.86 11.18
CA LEU B 75 -1.47 20.13 10.03
C LEU B 75 -2.29 21.01 9.09
N THR B 76 -1.77 22.18 8.76
CA THR B 76 -2.42 23.11 7.85
C THR B 76 -1.61 23.18 6.56
N ILE B 77 -2.30 23.05 5.44
CA ILE B 77 -1.73 23.33 4.13
C ILE B 77 -2.51 24.51 3.56
N THR B 78 -1.80 25.55 3.17
CA THR B 78 -2.39 26.73 2.52
C THR B 78 -1.94 26.65 1.05
N GLY B 79 -2.61 27.34 0.14
CA GLY B 79 -2.30 27.24 -1.29
C GLY B 79 -1.94 25.82 -1.63
N THR B 80 -2.85 24.89 -1.38
CA THR B 80 -2.55 23.44 -1.53
C THR B 80 -2.26 23.13 -3.00
N GLN B 81 -1.16 22.48 -3.26
CA GLN B 81 -0.76 22.10 -4.60
C GLN B 81 -1.27 20.70 -4.92
N THR B 82 -1.33 20.40 -6.21
CA THR B 82 -1.82 19.10 -6.63
C THR B 82 -0.93 17.98 -6.09
N GLU B 83 0.37 18.23 -5.97
CA GLU B 83 1.31 17.23 -5.48
C GLU B 83 1.05 16.86 -4.01
N ASP B 84 0.20 17.62 -3.32
CA ASP B 84 -0.10 17.37 -1.91
C ASP B 84 -1.18 16.32 -1.73
N GLU B 85 -1.81 15.86 -2.81
CA GLU B 85 -2.61 14.64 -2.72
C GLU B 85 -1.71 13.53 -2.19
N ALA B 86 -2.04 13.00 -1.02
CA ALA B 86 -1.16 12.07 -0.34
C ALA B 86 -1.82 11.57 0.94
N ILE B 87 -1.13 10.73 1.69
CA ILE B 87 -1.56 10.30 3.01
C ILE B 87 -0.68 10.99 4.06
N TYR B 88 -1.30 11.47 5.12
CA TYR B 88 -0.61 12.20 6.17
C TYR B 88 -0.87 11.52 7.50
N PHE B 89 0.19 11.07 8.16
CA PHE B 89 0.11 10.48 9.48
C PHE B 89 0.59 11.49 10.51
N CYS B 90 -0.17 11.65 11.59
CA CYS B 90 0.30 12.35 12.77
C CYS B 90 0.78 11.32 13.79
N ALA B 91 1.65 11.76 14.70
CA ALA B 91 2.21 10.89 15.73
C ALA B 91 2.39 11.68 17.01
N LEU B 92 1.82 11.18 18.10
CA LEU B 92 1.85 11.85 19.39
C LEU B 92 2.76 11.11 20.36
N TRP B 93 3.47 11.88 21.18
CA TRP B 93 4.46 11.34 22.10
C TRP B 93 3.89 11.32 23.51
N TYR B 94 4.05 10.18 24.19
CA TYR B 94 3.50 9.97 25.53
C TYR B 94 4.59 9.45 26.45
N SER B 95 5.55 10.32 26.75
CA SER B 95 6.60 10.07 27.72
C SER B 95 7.61 9.02 27.27
N ASN B 96 7.15 7.84 26.85
CA ASN B 96 8.08 6.76 26.55
C ASN B 96 7.73 5.97 25.29
N HIS B 97 6.76 6.42 24.50
CA HIS B 97 6.50 5.77 23.22
C HIS B 97 5.75 6.76 22.33
N LEU B 98 5.79 6.47 21.04
CA LEU B 98 5.13 7.29 20.02
C LEU B 98 3.99 6.48 19.42
N VAL B 99 2.84 7.13 19.25
CA VAL B 99 1.65 6.48 18.70
C VAL B 99 1.24 7.23 17.43
N PHE B 100 1.16 6.51 16.32
CA PHE B 100 0.75 7.09 15.06
C PHE B 100 -0.76 7.12 14.97
N GLY B 101 -1.28 8.19 14.38
CA GLY B 101 -2.66 8.20 13.98
C GLY B 101 -2.89 7.22 12.84
N GLY B 102 -4.17 7.02 12.52
CA GLY B 102 -4.53 6.13 11.43
C GLY B 102 -4.27 6.67 10.05
N GLY B 103 -4.03 7.96 9.92
CA GLY B 103 -3.69 8.55 8.64
C GLY B 103 -4.88 9.22 7.99
N THR B 104 -4.60 10.27 7.23
CA THR B 104 -5.61 11.00 6.48
C THR B 104 -5.22 10.96 5.01
N LYS B 105 -6.10 10.39 4.18
CA LYS B 105 -5.92 10.39 2.73
C LYS B 105 -6.45 11.72 2.19
N LEU B 106 -5.54 12.60 1.80
CA LEU B 106 -5.90 13.93 1.31
C LEU B 106 -6.05 13.88 -0.20
N THR B 107 -7.23 14.22 -0.71
CA THR B 107 -7.46 14.33 -2.16
C THR B 107 -7.33 15.80 -2.52
N VAL B 108 -6.44 16.17 -3.45
CA VAL B 108 -6.34 17.56 -3.98
C VAL B 108 -6.81 17.50 -5.42
N LEU B 109 -8.07 17.85 -5.68
CA LEU B 109 -8.67 17.75 -7.03
C LEU B 109 -7.77 18.46 -8.03
N GLY B 110 -6.86 17.72 -8.67
CA GLY B 110 -5.88 18.30 -9.60
C GLY B 110 -6.09 17.72 -10.97
N GLN B 111 -7.25 17.14 -11.20
CA GLN B 111 -7.62 16.57 -12.48
C GLN B 111 -9.13 16.64 -12.57
N PRO B 112 -9.69 16.75 -13.77
CA PRO B 112 -11.15 16.72 -13.88
C PRO B 112 -11.70 15.35 -13.50
N LYS B 113 -12.89 15.34 -12.89
CA LYS B 113 -13.51 14.09 -12.50
C LYS B 113 -13.62 13.16 -13.70
N SER B 114 -13.12 11.93 -13.54
CA SER B 114 -13.21 10.91 -14.57
C SER B 114 -13.93 9.70 -14.00
N SER B 115 -14.87 9.15 -14.75
CA SER B 115 -15.59 7.98 -14.29
C SER B 115 -14.79 6.71 -14.59
N PRO B 116 -14.95 5.67 -13.78
CA PRO B 116 -14.09 4.49 -13.94
C PRO B 116 -14.48 3.66 -15.15
N SER B 117 -13.48 3.24 -15.93
CA SER B 117 -13.69 2.29 -17.01
C SER B 117 -13.66 0.88 -16.43
N VAL B 118 -14.77 0.16 -16.55
CA VAL B 118 -14.95 -1.13 -15.88
C VAL B 118 -15.00 -2.23 -16.93
N THR B 119 -14.26 -3.32 -16.68
CA THR B 119 -14.28 -4.52 -17.51
C THR B 119 -14.46 -5.73 -16.60
N LEU B 120 -15.44 -6.57 -16.92
CA LEU B 120 -15.70 -7.78 -16.16
C LEU B 120 -15.31 -8.98 -17.01
N PHE B 121 -14.27 -9.71 -16.57
CA PHE B 121 -13.90 -10.92 -17.28
C PHE B 121 -14.51 -12.14 -16.61
N PRO B 122 -15.04 -13.09 -17.36
CA PRO B 122 -15.50 -14.35 -16.76
C PRO B 122 -14.33 -15.26 -16.45
N PRO B 123 -14.58 -16.37 -15.75
CA PRO B 123 -13.51 -17.34 -15.53
C PRO B 123 -13.06 -17.96 -16.84
N SER B 124 -11.76 -18.18 -16.97
CA SER B 124 -11.23 -18.81 -18.16
C SER B 124 -11.52 -20.31 -18.15
N SER B 125 -11.57 -20.91 -19.33
CA SER B 125 -11.79 -22.34 -19.43
C SER B 125 -10.69 -23.12 -18.72
N GLU B 126 -9.44 -22.64 -18.82
CA GLU B 126 -8.33 -23.32 -18.16
C GLU B 126 -8.52 -23.33 -16.65
N GLU B 127 -8.98 -22.22 -16.07
CA GLU B 127 -9.15 -22.18 -14.63
C GLU B 127 -10.28 -23.09 -14.18
N LEU B 128 -11.35 -23.21 -14.97
CA LEU B 128 -12.45 -24.08 -14.59
C LEU B 128 -12.00 -25.54 -14.49
N GLU B 129 -11.00 -25.93 -15.28
CA GLU B 129 -10.52 -27.31 -15.21
C GLU B 129 -9.94 -27.62 -13.83
N THR B 130 -9.45 -26.61 -13.12
CA THR B 130 -8.97 -26.80 -11.75
C THR B 130 -10.08 -26.73 -10.73
N ASN B 131 -11.34 -26.60 -11.16
CA ASN B 131 -12.49 -26.57 -10.27
C ASN B 131 -12.57 -25.30 -9.43
N LYS B 132 -12.05 -24.19 -9.94
CA LYS B 132 -12.19 -22.89 -9.33
C LYS B 132 -12.58 -21.91 -10.43
N ALA B 133 -13.26 -20.84 -10.04
CA ALA B 133 -13.78 -19.87 -11.00
C ALA B 133 -13.55 -18.47 -10.45
N THR B 134 -12.68 -17.70 -11.09
CA THR B 134 -12.31 -16.35 -10.62
C THR B 134 -12.82 -15.32 -11.62
N LEU B 135 -13.76 -14.48 -11.20
CA LEU B 135 -14.17 -13.37 -12.10
C LEU B 135 -13.27 -12.19 -11.76
N VAL B 136 -12.79 -11.47 -12.77
CA VAL B 136 -11.84 -10.37 -12.57
C VAL B 136 -12.48 -9.07 -13.09
N CYS B 137 -12.61 -8.08 -12.24
CA CYS B 137 -13.20 -6.78 -12.55
C CYS B 137 -12.05 -5.77 -12.53
N THR B 138 -11.67 -5.28 -13.71
CA THR B 138 -10.62 -4.27 -13.82
C THR B 138 -11.27 -2.89 -13.85
N ILE B 139 -10.73 -1.97 -13.04
CA ILE B 139 -11.32 -0.65 -12.82
C ILE B 139 -10.21 0.37 -13.05
N THR B 140 -10.37 1.18 -14.09
CA THR B 140 -9.30 2.04 -14.55
C THR B 140 -9.80 3.45 -14.84
N ASP B 141 -8.85 4.37 -14.89
CA ASP B 141 -9.06 5.73 -15.38
C ASP B 141 -10.21 6.42 -14.67
N PHE B 142 -10.17 6.41 -13.34
CA PHE B 142 -11.11 7.18 -12.54
C PHE B 142 -10.34 8.16 -11.66
N TYR B 143 -10.93 9.34 -11.47
CA TYR B 143 -10.42 10.34 -10.55
C TYR B 143 -11.61 11.07 -9.97
N PRO B 144 -11.63 11.35 -8.65
CA PRO B 144 -10.59 11.02 -7.65
C PRO B 144 -10.50 9.51 -7.37
N GLY B 145 -9.47 9.09 -6.65
CA GLY B 145 -9.20 7.68 -6.48
C GLY B 145 -9.88 7.05 -5.29
N VAL B 146 -11.19 7.25 -5.18
CA VAL B 146 -12.01 6.61 -4.16
C VAL B 146 -13.14 5.89 -4.87
N VAL B 147 -13.14 4.56 -4.82
CA VAL B 147 -14.19 3.74 -5.41
C VAL B 147 -14.59 2.67 -4.41
N THR B 148 -15.85 2.24 -4.47
CA THR B 148 -16.34 1.11 -3.70
C THR B 148 -16.89 0.08 -4.68
N VAL B 149 -16.66 -1.20 -4.39
CA VAL B 149 -16.95 -2.28 -5.31
C VAL B 149 -17.91 -3.26 -4.64
N ASP B 150 -19.00 -3.57 -5.34
CA ASP B 150 -19.97 -4.56 -4.89
C ASP B 150 -20.12 -5.65 -5.94
N TRP B 151 -20.22 -6.90 -5.48
CA TRP B 151 -20.41 -8.05 -6.34
C TRP B 151 -21.77 -8.67 -6.09
N LYS B 152 -22.49 -8.99 -7.16
CA LYS B 152 -23.80 -9.61 -7.06
C LYS B 152 -23.79 -10.95 -7.79
N VAL B 153 -24.17 -12.01 -7.08
CA VAL B 153 -24.31 -13.35 -7.65
C VAL B 153 -25.79 -13.71 -7.59
N ASP B 154 -26.44 -13.82 -8.76
CA ASP B 154 -27.89 -14.00 -8.81
C ASP B 154 -28.60 -12.94 -7.96
N GLY B 155 -28.02 -11.74 -7.88
CA GLY B 155 -28.63 -10.63 -7.18
C GLY B 155 -28.32 -10.52 -5.71
N THR B 156 -27.54 -11.44 -5.14
CA THR B 156 -27.23 -11.34 -3.71
C THR B 156 -25.93 -10.58 -3.51
N PRO B 157 -25.90 -9.55 -2.67
CA PRO B 157 -24.60 -8.94 -2.34
C PRO B 157 -23.62 -9.96 -1.79
N VAL B 158 -22.54 -10.23 -2.53
CA VAL B 158 -21.49 -11.09 -2.01
C VAL B 158 -20.73 -10.35 -0.92
N THR B 159 -20.42 -11.07 0.16
CA THR B 159 -19.72 -10.48 1.30
C THR B 159 -18.40 -11.17 1.64
N GLN B 160 -18.16 -12.36 1.10
CA GLN B 160 -16.91 -13.07 1.29
C GLN B 160 -16.49 -13.66 -0.05
N GLY B 161 -15.24 -14.11 -0.11
CA GLY B 161 -14.71 -14.67 -1.35
C GLY B 161 -14.27 -13.66 -2.37
N MET B 162 -14.17 -12.38 -2.00
CA MET B 162 -13.75 -11.33 -2.91
C MET B 162 -12.61 -10.56 -2.28
N GLU B 163 -11.65 -10.17 -3.11
CA GLU B 163 -10.56 -9.30 -2.73
C GLU B 163 -10.53 -8.12 -3.69
N THR B 164 -10.44 -6.90 -3.15
CA THR B 164 -10.42 -5.69 -3.95
C THR B 164 -9.12 -4.93 -3.69
N THR B 165 -8.44 -4.56 -4.76
CA THR B 165 -7.22 -3.78 -4.64
C THR B 165 -7.53 -2.36 -4.18
N GLN B 166 -6.62 -1.81 -3.37
CA GLN B 166 -6.68 -0.38 -3.04
C GLN B 166 -6.32 0.45 -4.26
N PRO B 167 -7.01 1.58 -4.50
CA PRO B 167 -6.71 2.38 -5.70
C PRO B 167 -5.23 2.69 -5.84
N SER B 168 -4.72 2.55 -7.06
CA SER B 168 -3.32 2.76 -7.38
C SER B 168 -3.19 3.84 -8.44
N LYS B 169 -2.17 4.69 -8.32
CA LYS B 169 -2.04 5.85 -9.20
C LYS B 169 -1.49 5.40 -10.56
N GLN B 170 -2.31 5.54 -11.59
CA GLN B 170 -1.89 5.30 -12.97
C GLN B 170 -0.88 6.35 -13.42
N SER B 171 -0.39 6.19 -14.63
CA SER B 171 0.59 7.15 -15.17
C SER B 171 -0.10 8.49 -15.51
N ASN B 172 -1.38 8.48 -15.91
CA ASN B 172 -2.12 9.70 -16.29
C ASN B 172 -2.53 10.44 -15.01
N ASN B 173 -2.04 9.99 -13.86
CA ASN B 173 -2.31 10.64 -12.55
C ASN B 173 -3.74 10.28 -12.16
N LYS B 174 -4.45 9.50 -12.98
CA LYS B 174 -5.73 8.96 -12.53
C LYS B 174 -5.45 7.78 -11.60
N TYR B 175 -6.48 7.03 -11.24
CA TYR B 175 -6.35 5.89 -10.37
C TYR B 175 -6.94 4.66 -11.03
N MET B 176 -6.47 3.49 -10.61
CA MET B 176 -6.96 2.23 -11.14
C MET B 176 -7.10 1.26 -9.99
N MET B 177 -7.84 0.19 -10.23
CA MET B 177 -8.06 -0.81 -9.20
C MET B 177 -8.57 -2.09 -9.84
N SER B 178 -8.43 -3.19 -9.11
CA SER B 178 -8.92 -4.49 -9.51
C SER B 178 -9.72 -5.11 -8.37
N SER B 179 -10.69 -5.93 -8.74
CA SER B 179 -11.48 -6.69 -7.79
C SER B 179 -11.64 -8.10 -8.32
N TYR B 180 -11.56 -9.07 -7.43
CA TYR B 180 -11.72 -10.47 -7.78
C TYR B 180 -12.88 -11.07 -7.00
N LEU B 181 -13.59 -11.99 -7.64
CA LEU B 181 -14.59 -12.81 -6.98
C LEU B 181 -14.22 -14.26 -7.28
N THR B 182 -13.69 -14.96 -6.28
CA THR B 182 -13.23 -16.33 -6.43
C THR B 182 -14.32 -17.28 -5.97
N LEU B 183 -14.81 -18.11 -6.88
CA LEU B 183 -15.83 -19.08 -6.57
C LEU B 183 -15.32 -20.50 -6.78
N THR B 184 -15.87 -21.44 -6.02
CA THR B 184 -15.75 -22.83 -6.41
C THR B 184 -16.44 -23.02 -7.76
N ALA B 185 -16.00 -24.05 -8.49
CA ALA B 185 -16.69 -24.39 -9.73
C ALA B 185 -18.14 -24.75 -9.46
N ARG B 186 -18.41 -25.39 -8.31
CA ARG B 186 -19.79 -25.66 -7.91
C ARG B 186 -20.59 -24.37 -7.82
N ALA B 187 -20.09 -23.40 -7.06
CA ALA B 187 -20.76 -22.11 -6.96
C ALA B 187 -20.96 -21.49 -8.35
N TRP B 188 -19.94 -21.57 -9.20
CA TRP B 188 -20.04 -20.96 -10.52
C TRP B 188 -21.19 -21.56 -11.33
N GLU B 189 -21.38 -22.88 -11.23
CA GLU B 189 -22.44 -23.56 -11.96
C GLU B 189 -23.77 -23.60 -11.21
N ARG B 190 -23.78 -23.22 -9.92
CA ARG B 190 -25.03 -23.14 -9.18
C ARG B 190 -25.78 -21.85 -9.44
N HIS B 191 -25.11 -20.84 -9.98
CA HIS B 191 -25.69 -19.52 -10.22
C HIS B 191 -25.48 -19.12 -11.67
N SER B 192 -26.18 -18.07 -12.08
CA SER B 192 -26.19 -17.67 -13.47
C SER B 192 -26.01 -16.19 -13.72
N SER B 193 -26.21 -15.31 -12.74
CA SER B 193 -26.07 -13.88 -12.94
C SER B 193 -24.95 -13.32 -12.07
N TYR B 194 -23.97 -12.70 -12.72
CA TYR B 194 -22.81 -12.15 -12.04
C TYR B 194 -22.60 -10.71 -12.49
N SER B 195 -22.43 -9.80 -11.53
CA SER B 195 -22.27 -8.39 -11.81
C SER B 195 -21.27 -7.76 -10.86
N CYS B 196 -20.38 -6.93 -11.41
CA CYS B 196 -19.44 -6.12 -10.64
C CYS B 196 -19.92 -4.67 -10.69
N GLN B 197 -20.21 -4.10 -9.52
CA GLN B 197 -20.72 -2.74 -9.43
C GLN B 197 -19.64 -1.84 -8.83
N VAL B 198 -19.25 -0.81 -9.58
CA VAL B 198 -18.24 0.15 -9.15
C VAL B 198 -18.93 1.48 -8.92
N THR B 199 -18.88 1.96 -7.67
CA THR B 199 -19.49 3.23 -7.29
C THR B 199 -18.39 4.28 -7.18
N HIS B 200 -18.56 5.37 -7.92
CA HIS B 200 -17.56 6.44 -7.99
C HIS B 200 -18.29 7.78 -7.95
N GLU B 201 -18.09 8.52 -6.86
CA GLU B 201 -18.65 9.84 -6.67
C GLU B 201 -20.16 9.83 -6.88
N GLY B 202 -20.83 8.98 -6.09
CA GLY B 202 -22.27 8.89 -6.05
C GLY B 202 -22.91 8.03 -7.10
N HIS B 203 -22.41 8.10 -8.33
CA HIS B 203 -22.95 7.29 -9.41
C HIS B 203 -22.32 5.91 -9.41
N THR B 204 -23.11 4.91 -9.79
CA THR B 204 -22.67 3.52 -9.83
C THR B 204 -22.64 3.02 -11.27
N VAL B 205 -21.56 2.31 -11.60
CA VAL B 205 -21.39 1.69 -12.91
C VAL B 205 -21.47 0.20 -12.73
N GLU B 206 -22.22 -0.47 -13.61
CA GLU B 206 -22.41 -1.91 -13.55
C GLU B 206 -21.86 -2.55 -14.82
N LYS B 207 -21.05 -3.59 -14.64
CA LYS B 207 -20.74 -4.56 -15.69
C LYS B 207 -21.27 -5.91 -15.22
N SER B 208 -21.88 -6.66 -16.13
CA SER B 208 -22.54 -7.91 -15.76
C SER B 208 -22.36 -8.92 -16.88
N LEU B 209 -22.65 -10.18 -16.54
CA LEU B 209 -22.54 -11.31 -17.48
C LEU B 209 -23.42 -12.44 -16.95
N SER B 210 -23.81 -13.38 -17.80
CA SER B 210 -24.58 -14.57 -17.36
C SER B 210 -23.89 -15.83 -17.87
N ARG B 211 -23.69 -16.83 -17.01
CA ARG B 211 -23.05 -18.13 -17.38
C ARG B 211 -23.61 -18.64 -18.71
#